data_9G0V
#
_entry.id   9G0V
#
_cell.length_a   170.641
_cell.length_b   170.641
_cell.length_c   170.641
_cell.angle_alpha   90
_cell.angle_beta   90
_cell.angle_gamma   90
#
_symmetry.space_group_name_H-M   'F 2 3'
#
loop_
_entity.id
_entity.type
_entity.pdbx_description
1 polymer 'Leukotriene C4 synthase'
2 non-polymer 'PALMITIC ACID'
3 non-polymer DODECYL-BETA-D-MALTOSIDE
4 non-polymer GLUTATHIONE
5 non-polymer 1-[3,4-bis(fluoranyl)phenyl]-9-[6-[2,2,2-tris(fluoranyl)ethoxy]pyrimidin-4-yl]-1,9-diazaspiro[5.5]undecan-2-one
#
_entity_poly.entity_id   1
_entity_poly.type   'polypeptide(L)'
_entity_poly.pdbx_seq_one_letter_code
;MHHHHHHGKDEVALLAAVTLLGVLLQAYFSLQVISARRAFRVSPPLTTGPPEFERVYRAQVNCSEYFPLFLATLWVAGIF
FHEGAAALCGLVYLFARLRYFQGYARSAQLRLAPLYASARALWLLVALAALGLLAHFLPAALRAALLGRLRTLLPWA
;
_entity_poly.pdbx_strand_id   A
#
# COMPACT_ATOMS: atom_id res chain seq x y z
N LYS A 9 5.72 20.23 8.85
CA LYS A 9 6.45 19.24 9.63
C LYS A 9 5.58 18.58 10.71
N ASP A 10 4.85 19.40 11.47
CA ASP A 10 3.96 18.95 12.53
C ASP A 10 2.74 18.25 11.90
N GLU A 11 2.17 18.85 10.84
CA GLU A 11 0.98 18.31 10.16
C GLU A 11 1.27 17.22 9.15
N VAL A 12 2.51 16.72 9.06
CA VAL A 12 2.87 15.64 8.13
C VAL A 12 3.65 14.50 8.82
N ALA A 13 4.00 14.62 10.13
CA ALA A 13 4.76 13.60 10.86
C ALA A 13 4.06 12.24 11.03
N LEU A 14 2.72 12.21 11.05
CA LEU A 14 1.99 10.94 11.10
C LEU A 14 2.14 10.28 9.72
N LEU A 15 1.98 11.08 8.63
CA LEU A 15 2.14 10.58 7.26
C LEU A 15 3.55 10.07 7.02
N ALA A 16 4.55 10.73 7.61
CA ALA A 16 5.95 10.32 7.52
C ALA A 16 6.23 9.05 8.31
N ALA A 17 5.52 8.83 9.44
CA ALA A 17 5.71 7.60 10.22
C ALA A 17 5.09 6.39 9.51
N VAL A 18 3.85 6.56 9.00
CA VAL A 18 3.16 5.52 8.22
C VAL A 18 3.99 5.19 6.96
N THR A 19 4.65 6.22 6.36
CA THR A 19 5.54 6.05 5.21
C THR A 19 6.73 5.15 5.59
N LEU A 20 7.47 5.49 6.69
CA LEU A 20 8.62 4.72 7.17
C LEU A 20 8.25 3.29 7.55
N LEU A 21 7.06 3.11 8.10
CA LEU A 21 6.56 1.78 8.44
C LEU A 21 6.29 0.95 7.19
N GLY A 22 5.85 1.61 6.12
CA GLY A 22 5.62 0.97 4.82
C GLY A 22 6.93 0.57 4.18
N VAL A 23 7.99 1.38 4.35
CA VAL A 23 9.33 1.07 3.86
C VAL A 23 9.86 -0.15 4.61
N LEU A 24 9.72 -0.17 5.95
CA LEU A 24 10.14 -1.32 6.79
C LEU A 24 9.35 -2.59 6.44
N LEU A 25 8.10 -2.44 5.98
CA LEU A 25 7.29 -3.57 5.54
C LEU A 25 7.87 -4.15 4.24
N GLN A 26 8.33 -3.29 3.34
CA GLN A 26 8.96 -3.72 2.09
C GLN A 26 10.29 -4.41 2.35
N ALA A 27 11.01 -4.00 3.40
CA ALA A 27 12.27 -4.63 3.81
C ALA A 27 11.99 -6.05 4.30
N TYR A 28 10.89 -6.23 5.05
CA TYR A 28 10.45 -7.53 5.55
C TYR A 28 10.14 -8.46 4.36
N PHE A 29 9.41 -7.97 3.35
CA PHE A 29 9.06 -8.74 2.15
C PHE A 29 10.28 -9.11 1.31
N SER A 30 11.35 -8.32 1.36
CA SER A 30 12.58 -8.66 0.65
C SER A 30 13.37 -9.75 1.40
N LEU A 31 13.34 -9.67 2.74
CA LEU A 31 13.96 -10.65 3.63
C LEU A 31 13.29 -12.02 3.42
N GLN A 32 11.96 -12.02 3.22
CA GLN A 32 11.23 -13.27 3.00
C GLN A 32 11.49 -13.87 1.63
N VAL A 33 11.56 -13.04 0.58
CA VAL A 33 11.86 -13.55 -0.77
C VAL A 33 13.31 -14.05 -0.85
N ILE A 34 14.24 -13.40 -0.14
CA ILE A 34 15.63 -13.85 -0.13
C ILE A 34 15.78 -15.18 0.67
N SER A 35 14.85 -15.47 1.59
CA SER A 35 14.86 -16.74 2.32
C SER A 35 14.37 -17.87 1.40
N ALA A 36 13.37 -17.58 0.55
CA ALA A 36 12.81 -18.56 -0.40
C ALA A 36 13.82 -18.92 -1.49
N ARG A 37 14.74 -18.02 -1.84
CA ARG A 37 15.80 -18.27 -2.82
C ARG A 37 16.84 -19.25 -2.26
N ARG A 38 17.10 -19.18 -0.94
CA ARG A 38 18.03 -20.11 -0.31
C ARG A 38 17.33 -21.44 -0.06
N ALA A 39 16.06 -21.41 0.39
CA ALA A 39 15.32 -22.64 0.66
C ALA A 39 15.04 -23.49 -0.59
N PHE A 40 14.40 -22.92 -1.64
CA PHE A 40 14.13 -23.67 -2.86
C PHE A 40 15.31 -23.70 -3.85
N ARG A 41 16.46 -23.09 -3.49
CA ARG A 41 17.68 -23.00 -4.30
C ARG A 41 17.46 -22.24 -5.62
N VAL A 42 16.68 -21.17 -5.58
CA VAL A 42 16.43 -20.37 -6.77
C VAL A 42 17.53 -19.31 -6.89
N SER A 43 18.29 -19.36 -7.98
CA SER A 43 19.44 -18.50 -8.23
C SER A 43 19.10 -17.29 -9.11
N PRO A 44 19.52 -16.09 -8.73
CA PRO A 44 19.28 -14.91 -9.58
C PRO A 44 20.12 -14.96 -10.86
N PRO A 45 19.64 -14.46 -12.02
CA PRO A 45 18.39 -13.73 -12.26
C PRO A 45 17.14 -14.57 -12.57
N LEU A 46 17.00 -15.75 -11.95
CA LEU A 46 15.83 -16.59 -12.18
C LEU A 46 14.69 -16.21 -11.27
N THR A 47 13.51 -15.99 -11.85
CA THR A 47 12.31 -15.65 -11.07
C THR A 47 11.31 -16.83 -10.99
N THR A 48 11.62 -17.96 -11.67
CA THR A 48 10.81 -19.17 -11.75
C THR A 48 11.35 -20.25 -10.82
N GLY A 49 10.44 -21.04 -10.28
CA GLY A 49 10.79 -22.11 -9.36
C GLY A 49 9.56 -22.91 -8.97
N PRO A 50 9.61 -23.55 -7.79
CA PRO A 50 8.43 -24.33 -7.33
C PRO A 50 7.18 -23.46 -7.16
N PRO A 51 5.97 -24.05 -7.11
CA PRO A 51 4.76 -23.23 -6.98
C PRO A 51 4.78 -22.26 -5.80
N GLU A 52 5.36 -22.68 -4.67
CA GLU A 52 5.44 -21.82 -3.49
C GLU A 52 6.47 -20.70 -3.63
N PHE A 53 7.62 -20.94 -4.29
CA PHE A 53 8.59 -19.86 -4.51
C PHE A 53 7.97 -18.76 -5.36
N GLU A 54 7.38 -19.11 -6.51
CA GLU A 54 6.73 -18.15 -7.40
C GLU A 54 5.63 -17.36 -6.67
N ARG A 55 4.99 -17.96 -5.66
CA ARG A 55 3.95 -17.28 -4.90
C ARG A 55 4.51 -16.25 -3.92
N VAL A 56 5.59 -16.60 -3.21
CA VAL A 56 6.24 -15.67 -2.29
C VAL A 56 6.86 -14.52 -3.09
N TYR A 57 7.56 -14.87 -4.17
CA TYR A 57 8.19 -13.91 -5.07
C TYR A 57 7.15 -12.96 -5.69
N ARG A 58 6.02 -13.51 -6.15
CA ARG A 58 4.97 -12.71 -6.78
C ARG A 58 4.25 -11.80 -5.80
N ALA A 59 4.14 -12.23 -4.54
CA ALA A 59 3.53 -11.42 -3.49
C ALA A 59 4.33 -10.15 -3.26
N GLN A 60 5.66 -10.25 -3.34
CA GLN A 60 6.59 -9.14 -3.15
C GLN A 60 6.55 -8.17 -4.34
N VAL A 61 6.48 -8.69 -5.57
CA VAL A 61 6.44 -7.91 -6.80
C VAL A 61 5.23 -6.99 -6.79
N ASN A 62 4.07 -7.55 -6.41
CA ASN A 62 2.80 -6.84 -6.30
C ASN A 62 2.85 -5.76 -5.24
N CYS A 63 3.40 -6.09 -4.06
CA CYS A 63 3.50 -5.13 -2.98
C CYS A 63 4.34 -3.92 -3.37
N SER A 64 5.45 -4.17 -4.07
CA SER A 64 6.38 -3.16 -4.56
C SER A 64 5.74 -2.21 -5.56
N GLU A 65 4.89 -2.74 -6.41
CA GLU A 65 4.15 -2.01 -7.43
C GLU A 65 3.11 -1.09 -6.79
N TYR A 66 2.47 -1.57 -5.73
CA TYR A 66 1.47 -0.81 -5.02
C TYR A 66 2.02 0.21 -4.05
N PHE A 67 3.28 0.07 -3.64
CA PHE A 67 3.90 0.98 -2.70
C PHE A 67 3.80 2.46 -3.14
N PRO A 68 4.13 2.88 -4.38
CA PRO A 68 4.00 4.30 -4.74
C PRO A 68 2.55 4.78 -4.85
N LEU A 69 1.64 3.87 -5.19
CA LEU A 69 0.21 4.16 -5.23
C LEU A 69 -0.26 4.45 -3.81
N PHE A 70 0.19 3.64 -2.83
CA PHE A 70 -0.13 3.87 -1.42
C PHE A 70 0.45 5.22 -0.95
N LEU A 71 1.75 5.47 -1.23
CA LEU A 71 2.42 6.72 -0.85
C LEU A 71 1.73 7.94 -1.40
N ALA A 72 1.37 7.93 -2.70
CA ALA A 72 0.72 9.06 -3.33
C ALA A 72 -0.63 9.39 -2.65
N THR A 73 -1.50 8.40 -2.48
CA THR A 73 -2.80 8.61 -1.85
C THR A 73 -2.68 9.00 -0.39
N LEU A 74 -1.74 8.39 0.37
CA LEU A 74 -1.53 8.69 1.79
C LEU A 74 -1.16 10.15 1.99
N TRP A 75 -0.25 10.66 1.15
CA TRP A 75 0.19 12.04 1.26
C TRP A 75 -0.84 13.03 0.77
N VAL A 76 -1.57 12.71 -0.32
CA VAL A 76 -2.59 13.62 -0.84
C VAL A 76 -3.80 13.70 0.09
N ALA A 77 -4.28 12.55 0.56
CA ALA A 77 -5.41 12.51 1.49
C ALA A 77 -5.03 13.12 2.84
N GLY A 78 -3.78 12.92 3.26
CA GLY A 78 -3.27 13.45 4.51
C GLY A 78 -3.16 14.96 4.52
N ILE A 79 -2.84 15.54 3.37
CA ILE A 79 -2.68 16.98 3.27
C ILE A 79 -3.95 17.71 2.82
N PHE A 80 -4.86 17.05 2.09
CA PHE A 80 -6.06 17.71 1.59
C PHE A 80 -7.33 17.32 2.36
N PHE A 81 -7.32 16.23 3.14
CA PHE A 81 -8.50 15.88 3.93
C PHE A 81 -8.23 15.96 5.44
N HIS A 82 -7.34 15.11 5.97
CA HIS A 82 -7.07 15.06 7.41
C HIS A 82 -5.93 14.06 7.59
N GLU A 83 -4.83 14.52 8.17
CA GLU A 83 -3.64 13.73 8.42
C GLU A 83 -3.87 12.46 9.24
N GLY A 84 -4.61 12.54 10.34
CA GLY A 84 -4.85 11.39 11.19
C GLY A 84 -5.74 10.34 10.55
N ALA A 85 -6.69 10.78 9.72
CA ALA A 85 -7.62 9.86 9.06
C ALA A 85 -6.95 9.16 7.91
N ALA A 86 -6.03 9.84 7.20
CA ALA A 86 -5.28 9.22 6.12
C ALA A 86 -4.22 8.28 6.70
N ALA A 87 -3.60 8.63 7.85
CA ALA A 87 -2.63 7.76 8.51
C ALA A 87 -3.28 6.52 9.10
N LEU A 88 -4.58 6.60 9.48
CA LEU A 88 -5.32 5.46 9.99
C LEU A 88 -5.57 4.49 8.85
N CYS A 89 -5.99 5.00 7.67
CA CYS A 89 -6.18 4.16 6.48
C CYS A 89 -4.85 3.56 6.02
N GLY A 90 -3.77 4.33 6.18
CA GLY A 90 -2.41 3.90 5.82
C GLY A 90 -1.98 2.68 6.60
N LEU A 91 -2.36 2.60 7.89
CA LEU A 91 -2.04 1.44 8.71
C LEU A 91 -2.90 0.26 8.32
N VAL A 92 -4.21 0.48 8.08
CA VAL A 92 -5.11 -0.58 7.65
C VAL A 92 -4.61 -1.23 6.34
N TYR A 93 -4.17 -0.40 5.39
CA TYR A 93 -3.61 -0.88 4.14
C TYR A 93 -2.33 -1.69 4.40
N LEU A 94 -1.38 -1.15 5.18
CA LEU A 94 -0.13 -1.86 5.45
C LEU A 94 -0.32 -3.19 6.20
N PHE A 95 -1.31 -3.28 7.11
CA PHE A 95 -1.58 -4.52 7.83
C PHE A 95 -2.19 -5.54 6.87
N ALA A 96 -3.08 -5.10 5.97
CA ALA A 96 -3.66 -5.97 4.96
C ALA A 96 -2.60 -6.48 3.97
N ARG A 97 -1.54 -5.70 3.74
CA ARG A 97 -0.45 -6.11 2.87
C ARG A 97 0.42 -7.17 3.52
N LEU A 98 0.61 -7.09 4.86
CA LEU A 98 1.36 -8.10 5.62
C LEU A 98 0.59 -9.42 5.53
N ARG A 99 -0.74 -9.37 5.71
CA ARG A 99 -1.63 -10.54 5.63
C ARG A 99 -1.70 -11.11 4.22
N TYR A 100 -1.61 -10.24 3.19
CA TYR A 100 -1.63 -10.64 1.80
C TYR A 100 -0.36 -11.45 1.53
N PHE A 101 0.80 -10.96 2.01
CA PHE A 101 2.07 -11.63 1.81
C PHE A 101 2.08 -12.97 2.53
N GLN A 102 1.60 -12.99 3.78
CA GLN A 102 1.52 -14.21 4.57
C GLN A 102 0.54 -15.25 3.97
N GLY A 103 -0.52 -14.75 3.33
CA GLY A 103 -1.53 -15.57 2.68
C GLY A 103 -0.99 -16.18 1.40
N TYR A 104 -0.31 -15.36 0.58
CA TYR A 104 0.32 -15.82 -0.66
C TYR A 104 1.44 -16.83 -0.36
N ALA A 105 2.09 -16.71 0.81
CA ALA A 105 3.12 -17.65 1.28
C ALA A 105 2.52 -19.05 1.61
N ARG A 106 1.17 -19.16 1.67
CA ARG A 106 0.47 -20.42 1.88
C ARG A 106 -0.13 -20.85 0.55
N SER A 107 -0.90 -19.96 -0.12
CA SER A 107 -1.56 -20.26 -1.39
C SER A 107 -2.12 -18.99 -2.09
N ALA A 108 -2.60 -19.13 -3.34
CA ALA A 108 -3.18 -17.99 -4.06
C ALA A 108 -4.60 -17.70 -3.53
N GLN A 109 -5.34 -18.73 -3.07
CA GLN A 109 -6.67 -18.51 -2.51
C GLN A 109 -6.55 -17.69 -1.20
N LEU A 110 -5.62 -18.10 -0.33
CA LEU A 110 -5.38 -17.48 0.97
C LEU A 110 -4.97 -16.00 0.92
N ARG A 111 -4.52 -15.51 -0.24
CA ARG A 111 -4.15 -14.11 -0.43
C ARG A 111 -5.34 -13.23 -0.88
N LEU A 112 -6.39 -13.85 -1.45
CA LEU A 112 -7.58 -13.18 -1.98
C LEU A 112 -8.22 -12.18 -1.00
N ALA A 113 -8.60 -12.62 0.22
CA ALA A 113 -9.23 -11.77 1.23
C ALA A 113 -8.38 -10.56 1.68
N PRO A 114 -7.11 -10.73 2.15
CA PRO A 114 -6.32 -9.53 2.49
C PRO A 114 -6.00 -8.64 1.29
N LEU A 115 -6.17 -9.14 0.05
CA LEU A 115 -5.97 -8.31 -1.13
C LEU A 115 -7.16 -7.36 -1.26
N TYR A 116 -8.40 -7.85 -1.00
CA TYR A 116 -9.57 -6.98 -1.08
C TYR A 116 -9.65 -6.03 0.14
N ALA A 117 -9.06 -6.43 1.28
CA ALA A 117 -8.98 -5.58 2.47
C ALA A 117 -7.96 -4.44 2.21
N SER A 118 -6.91 -4.68 1.41
CA SER A 118 -5.96 -3.64 1.06
C SER A 118 -6.58 -2.72 0.00
N ALA A 119 -7.30 -3.30 -0.98
CA ALA A 119 -8.01 -2.52 -2.01
C ALA A 119 -9.04 -1.60 -1.35
N ARG A 120 -9.66 -2.06 -0.27
CA ARG A 120 -10.66 -1.33 0.52
C ARG A 120 -10.00 -0.06 1.06
N ALA A 121 -8.91 -0.21 1.85
CA ALA A 121 -8.19 0.91 2.45
C ALA A 121 -7.58 1.85 1.40
N LEU A 122 -7.22 1.30 0.22
CA LEU A 122 -6.67 2.13 -0.86
C LEU A 122 -7.76 2.98 -1.50
N TRP A 123 -8.98 2.45 -1.64
CA TRP A 123 -10.09 3.25 -2.18
C TRP A 123 -10.52 4.33 -1.19
N LEU A 124 -10.40 4.05 0.14
CA LEU A 124 -10.70 4.99 1.21
C LEU A 124 -9.73 6.18 1.11
N LEU A 125 -8.43 5.95 0.84
CA LEU A 125 -7.46 7.03 0.69
C LEU A 125 -7.79 7.87 -0.54
N VAL A 126 -8.18 7.22 -1.64
CA VAL A 126 -8.56 7.90 -2.88
C VAL A 126 -9.80 8.75 -2.69
N ALA A 127 -10.75 8.29 -1.89
CA ALA A 127 -11.96 9.07 -1.61
C ALA A 127 -11.63 10.30 -0.78
N LEU A 128 -10.76 10.16 0.22
CA LEU A 128 -10.37 11.30 1.06
C LEU A 128 -9.52 12.30 0.28
N ALA A 129 -8.71 11.83 -0.66
CA ALA A 129 -7.92 12.71 -1.51
C ALA A 129 -8.86 13.49 -2.42
N ALA A 130 -9.87 12.81 -3.00
CA ALA A 130 -10.86 13.43 -3.88
C ALA A 130 -11.73 14.43 -3.14
N LEU A 131 -12.23 14.08 -1.94
CA LEU A 131 -13.05 14.96 -1.14
C LEU A 131 -12.28 16.19 -0.72
N GLY A 132 -11.01 16.02 -0.37
CA GLY A 132 -10.17 17.15 0.03
C GLY A 132 -9.85 18.09 -1.12
N LEU A 133 -9.64 17.54 -2.31
CA LEU A 133 -9.34 18.35 -3.48
C LEU A 133 -10.60 19.07 -3.98
N LEU A 134 -11.76 18.42 -3.85
CA LEU A 134 -13.03 19.01 -4.25
C LEU A 134 -13.39 20.15 -3.30
N ALA A 135 -13.14 19.97 -1.99
CA ALA A 135 -13.39 21.04 -1.03
C ALA A 135 -12.47 22.27 -1.23
N HIS A 136 -11.36 22.11 -1.97
CA HIS A 136 -10.42 23.16 -2.29
C HIS A 136 -10.82 23.89 -3.58
N PHE A 137 -10.97 23.16 -4.68
CA PHE A 137 -11.29 23.73 -5.99
C PHE A 137 -12.75 24.13 -6.22
N LEU A 138 -13.71 23.36 -5.69
CA LEU A 138 -15.13 23.59 -5.94
C LEU A 138 -15.70 24.92 -5.46
N PRO A 139 -15.46 25.40 -4.21
CA PRO A 139 -16.03 26.70 -3.81
C PRO A 139 -15.62 27.85 -4.73
N ALA A 140 -14.36 27.87 -5.17
CA ALA A 140 -13.85 28.91 -6.07
C ALA A 140 -14.46 28.82 -7.46
N ALA A 141 -14.81 27.61 -7.91
CA ALA A 141 -15.42 27.37 -9.22
C ALA A 141 -16.88 27.80 -9.16
N LEU A 142 -17.59 27.48 -8.07
CA LEU A 142 -18.97 27.88 -7.84
C LEU A 142 -19.05 29.42 -7.83
N ARG A 143 -18.06 30.09 -7.21
CA ARG A 143 -18.03 31.54 -7.15
C ARG A 143 -17.81 32.14 -8.55
N ALA A 144 -16.84 31.59 -9.31
CA ALA A 144 -16.51 32.06 -10.65
C ALA A 144 -17.66 31.88 -11.63
N ALA A 145 -18.33 30.71 -11.60
CA ALA A 145 -19.47 30.42 -12.47
C ALA A 145 -20.64 31.32 -12.15
N LEU A 146 -20.89 31.59 -10.85
CA LEU A 146 -21.99 32.48 -10.47
C LEU A 146 -21.67 33.95 -10.72
N LEU A 147 -20.39 34.32 -10.81
CA LEU A 147 -20.00 35.71 -11.02
C LEU A 147 -20.16 36.11 -12.47
#